data_5F8Z
#
_entry.id   5F8Z
#
_cell.length_a   90.279
_cell.length_b   90.279
_cell.length_c   57.623
_cell.angle_alpha   90.00
_cell.angle_beta   90.00
_cell.angle_gamma   120.00
#
_symmetry.space_group_name_H-M   'P 65'
#
loop_
_entity.id
_entity.type
_entity.pdbx_description
1 polymer 'Plasma kallikrein LIGHT CHAIN'
2 polymer CYS-PRO-ALA-ARG-PHE-M70-ALA-LEU-PHE-CYS
3 non-polymer 'SULFATE ION'
4 non-polymer piperidine-1-carboximidamide
5 water water
#
loop_
_entity_poly.entity_id
_entity_poly.type
_entity_poly.pdbx_seq_one_letter_code
_entity_poly.pdbx_strand_id
1 'polypeptide(L)'
;IVGGTNSSWGEWPWQVSLQVKLTAQRHLCGGSLIGHQWVLTAAHCFDGLPLQDVWRIYSGILNLSDITKDTPFSQIKEII
IHQNYKVSEGNHDIALIKLQAPLNYTEFQKPISLPSKGDTSTIYTNCWVTGWGFSKEKGEIQNILQKVNIPLVTNEECQK
RYQDYKITQRMVCAGYKEGGKDACKGDSGGPLVCKHNGMWRLVGITSWGEGCARREQPGVYTKVAEYMDWILEKTQSSD
;
A
2 'polypeptide(L)' CPARFAALFC B
#
# COMPACT_ATOMS: atom_id res chain seq x y z
N ILE A 1 2.50 -1.38 -10.78
CA ILE A 1 2.65 0.07 -11.13
C ILE A 1 2.73 0.20 -12.64
N VAL A 2 1.86 1.02 -13.21
CA VAL A 2 1.79 1.32 -14.63
C VAL A 2 2.56 2.60 -14.87
N GLY A 3 3.41 2.60 -15.89
CA GLY A 3 4.15 3.79 -16.32
C GLY A 3 5.26 4.23 -15.40
N GLY A 4 5.72 3.32 -14.55
CA GLY A 4 6.79 3.65 -13.61
C GLY A 4 8.15 3.26 -14.14
N THR A 5 9.13 3.34 -13.27
CA THR A 5 10.49 2.89 -13.58
C THR A 5 11.08 2.07 -12.44
N ASN A 6 12.21 1.43 -12.72
CA ASN A 6 12.89 0.63 -11.73
C ASN A 6 13.48 1.51 -10.64
N SER A 7 13.25 1.13 -9.39
CA SER A 7 13.85 1.83 -8.25
C SER A 7 15.26 1.34 -7.97
N SER A 8 16.02 2.14 -7.24
CA SER A 8 17.35 1.77 -6.77
C SER A 8 17.34 1.49 -5.28
N TRP A 9 18.41 0.89 -4.79
CA TRP A 9 18.51 0.51 -3.39
C TRP A 9 18.39 1.72 -2.47
N GLY A 10 17.60 1.57 -1.40
CA GLY A 10 17.47 2.59 -0.39
C GLY A 10 16.55 3.74 -0.70
N GLU A 11 15.94 3.79 -1.91
CA GLU A 11 14.96 4.82 -2.21
C GLU A 11 13.70 4.68 -1.36
N TRP A 12 13.27 3.42 -1.16
CA TRP A 12 11.98 3.17 -0.49
C TRP A 12 12.17 2.10 0.58
N PRO A 13 12.91 2.42 1.65
CA PRO A 13 13.34 1.39 2.61
C PRO A 13 12.25 0.83 3.52
N TRP A 14 11.09 1.48 3.49
CA TRP A 14 9.89 1.04 4.21
C TRP A 14 9.04 0.05 3.44
N GLN A 15 9.27 -0.11 2.13
CA GLN A 15 8.41 -0.97 1.33
C GLN A 15 8.66 -2.44 1.67
N VAL A 16 7.57 -3.18 1.87
CA VAL A 16 7.65 -4.62 2.09
C VAL A 16 6.80 -5.34 1.06
N SER A 17 7.15 -6.60 0.82
CA SER A 17 6.37 -7.50 -0.03
C SER A 17 5.68 -8.50 0.90
N LEU A 18 4.34 -8.54 0.84
CA LEU A 18 3.55 -9.50 1.63
C LEU A 18 3.25 -10.68 0.71
N GLN A 19 3.85 -11.82 1.03
CA GLN A 19 3.76 -13.03 0.21
C GLN A 19 3.13 -14.12 0.99
N VAL A 20 2.55 -15.10 0.28
CA VAL A 20 2.04 -16.29 0.93
C VAL A 20 2.72 -17.51 0.37
N LYS A 21 2.91 -18.52 1.23
CA LYS A 21 3.34 -19.82 0.75
C LYS A 21 2.38 -20.88 1.25
N LEU A 22 1.74 -21.56 0.29
CA LEU A 22 0.98 -22.77 0.59
C LEU A 22 1.87 -23.88 0.05
N THR A 23 1.62 -24.36 -1.17
CA THR A 23 2.59 -25.24 -1.83
C THR A 23 3.58 -24.45 -2.69
N ALA A 24 3.10 -23.33 -3.23
CA ALA A 24 3.91 -22.38 -3.98
C ALA A 24 3.90 -21.04 -3.24
N GLN A 25 4.88 -20.20 -3.57
CA GLN A 25 5.03 -18.88 -2.96
C GLN A 25 4.75 -17.78 -3.98
N ARG A 26 3.98 -16.78 -3.56
CA ARG A 26 3.61 -15.66 -4.43
C ARG A 26 3.44 -14.36 -3.66
N HIS A 27 3.84 -13.27 -4.33
CA HIS A 27 3.59 -11.93 -3.84
C HIS A 27 2.10 -11.60 -3.99
N LEU A 28 1.48 -11.11 -2.92
CA LEU A 28 0.09 -10.69 -2.95
C LEU A 28 -0.17 -9.20 -2.81
N CYS A 29 0.61 -8.54 -1.96
CA CYS A 29 0.31 -7.15 -1.60
C CYS A 29 1.59 -6.45 -1.17
N GLY A 30 1.53 -5.13 -1.19
CA GLY A 30 2.55 -4.31 -0.56
C GLY A 30 2.18 -3.94 0.85
N GLY A 31 3.12 -3.28 1.50
CA GLY A 31 2.91 -2.72 2.84
C GLY A 31 4.02 -1.76 3.15
N SER A 32 3.87 -1.06 4.27
CA SER A 32 4.85 -0.09 4.72
C SER A 32 5.27 -0.38 6.13
N LEU A 33 6.56 -0.47 6.38
CA LEU A 33 7.10 -0.59 7.72
C LEU A 33 6.90 0.76 8.39
N ILE A 34 6.19 0.78 9.52
CA ILE A 34 5.97 2.04 10.26
C ILE A 34 6.58 2.08 11.65
N GLY A 35 7.06 0.95 12.12
CA GLY A 35 7.78 0.85 13.37
C GLY A 35 8.53 -0.46 13.38
N HIS A 36 9.28 -0.72 14.44
CA HIS A 36 10.18 -1.87 14.41
C HIS A 36 9.50 -3.23 14.30
N GLN A 37 8.23 -3.30 14.71
CA GLN A 37 7.47 -4.54 14.62
C GLN A 37 6.09 -4.37 13.96
N TRP A 38 5.89 -3.28 13.21
CA TRP A 38 4.58 -2.94 12.65
C TRP A 38 4.64 -2.61 11.17
N VAL A 39 3.80 -3.29 10.39
CA VAL A 39 3.57 -2.97 8.98
C VAL A 39 2.14 -2.47 8.82
N LEU A 40 1.97 -1.44 8.00
CA LEU A 40 0.64 -0.90 7.65
C LEU A 40 0.32 -1.28 6.21
N THR A 41 -0.87 -1.82 5.99
CA THR A 41 -1.30 -2.29 4.67
C THR A 41 -2.81 -2.11 4.53
N ALA A 42 -3.39 -2.69 3.48
CA ALA A 42 -4.83 -2.60 3.22
C ALA A 42 -5.57 -3.81 3.82
N ALA A 43 -6.74 -3.54 4.41
CA ALA A 43 -7.61 -4.62 4.90
C ALA A 43 -7.99 -5.61 3.80
N HIS A 44 -8.21 -5.15 2.57
CA HIS A 44 -8.66 -6.06 1.53
C HIS A 44 -7.61 -7.10 1.14
N CYS A 45 -6.35 -6.89 1.53
CA CYS A 45 -5.30 -7.89 1.35
C CYS A 45 -5.53 -9.19 2.15
N PHE A 46 -6.45 -9.17 3.10
CA PHE A 46 -6.78 -10.35 3.89
C PHE A 46 -8.08 -11.03 3.48
N ASP A 47 -8.76 -10.48 2.48
CA ASP A 47 -9.99 -11.12 2.00
C ASP A 47 -9.63 -12.38 1.21
N GLY A 48 -10.23 -13.52 1.56
CA GLY A 48 -9.93 -14.74 0.83
C GLY A 48 -8.53 -15.25 1.11
N LEU A 49 -8.12 -15.24 2.38
CA LEU A 49 -6.81 -15.76 2.82
C LEU A 49 -7.00 -16.82 3.88
N PRO A 50 -6.12 -17.85 3.94
CA PRO A 50 -6.13 -18.73 5.14
C PRO A 50 -5.58 -18.01 6.38
N LEU A 51 -5.36 -18.67 7.37
CA LEU A 51 -4.80 -18.13 8.59
C LEU A 51 -3.37 -17.65 8.40
N GLN A 52 -2.86 -16.91 9.36
CA GLN A 52 -1.69 -16.11 9.16
C GLN A 52 -0.35 -16.83 8.99
N ASP A 53 -0.25 -18.11 9.30
CA ASP A 53 1.00 -18.88 9.16
C ASP A 53 1.54 -18.96 7.74
N VAL A 54 0.56 -18.68 6.77
CA VAL A 54 0.93 -18.66 5.37
C VAL A 54 1.79 -17.48 4.96
N TRP A 55 1.75 -16.38 5.69
CA TRP A 55 2.43 -15.16 5.23
C TRP A 55 3.93 -15.16 5.48
N ARG A 56 4.65 -14.63 4.48
CA ARG A 56 6.08 -14.35 4.56
C ARG A 56 6.24 -12.90 4.14
N ILE A 57 6.80 -12.10 5.04
CA ILE A 57 6.93 -10.65 4.79
C ILE A 57 8.40 -10.32 4.54
N TYR A 58 8.65 -9.82 3.34
CA TYR A 58 10.02 -9.51 2.94
C TYR A 58 10.26 -8.02 3.02
N SER A 59 11.35 -7.67 3.69
CA SER A 59 11.81 -6.30 3.80
C SER A 59 13.26 -6.26 3.41
N GLY A 60 13.74 -5.08 3.04
CA GLY A 60 15.11 -4.98 2.58
C GLY A 60 15.39 -5.70 1.27
N ILE A 61 14.34 -5.85 0.47
CA ILE A 61 14.44 -6.51 -0.82
C ILE A 61 14.01 -5.53 -1.90
N LEU A 62 14.82 -5.43 -2.93
CA LEU A 62 14.52 -4.59 -4.09
C LEU A 62 13.94 -5.38 -5.27
N ASN A 63 14.42 -6.60 -5.43
CA ASN A 63 14.11 -7.39 -6.60
C ASN A 63 13.59 -8.73 -6.14
N LEU A 64 12.34 -9.05 -6.46
CA LEU A 64 11.74 -10.29 -6.03
C LEU A 64 12.45 -11.52 -6.59
N SER A 65 13.09 -11.37 -7.74
CA SER A 65 13.85 -12.50 -8.28
C SER A 65 15.20 -12.75 -7.55
N ASP A 66 15.62 -11.81 -6.68
CA ASP A 66 16.79 -11.99 -5.77
C ASP A 66 16.39 -12.89 -4.55
N ILE A 67 15.10 -13.13 -4.30
CA ILE A 67 14.64 -13.96 -3.17
C ILE A 67 14.94 -15.44 -3.41
N THR A 68 15.51 -16.08 -2.42
CA THR A 68 15.81 -17.50 -2.46
C THR A 68 15.29 -18.14 -1.18
N LYS A 69 15.40 -19.45 -1.10
CA LYS A 69 14.96 -20.19 0.09
C LYS A 69 15.64 -19.71 1.39
N ASP A 70 16.85 -19.15 1.27
CA ASP A 70 17.61 -18.64 2.43
C ASP A 70 17.41 -17.17 2.79
N THR A 71 16.66 -16.43 1.96
CA THR A 71 16.41 -15.02 2.21
C THR A 71 15.60 -14.90 3.49
N PRO A 72 16.05 -14.06 4.45
CA PRO A 72 15.22 -13.90 5.66
C PRO A 72 13.84 -13.26 5.34
N PHE A 73 12.86 -13.61 6.15
CA PHE A 73 11.54 -12.97 6.12
C PHE A 73 10.96 -12.90 7.52
N SER A 74 9.98 -12.02 7.68
CA SER A 74 9.22 -11.87 8.92
C SER A 74 7.94 -12.67 8.85
N GLN A 75 7.48 -13.10 10.02
CA GLN A 75 6.21 -13.80 10.15
C GLN A 75 5.25 -12.93 10.94
N ILE A 76 3.95 -13.24 10.84
CA ILE A 76 2.92 -12.49 11.49
C ILE A 76 2.59 -13.03 12.89
N LYS A 77 2.50 -12.11 13.85
CA LYS A 77 2.06 -12.37 15.23
C LYS A 77 0.61 -11.95 15.42
N GLU A 78 0.22 -10.85 14.79
CA GLU A 78 -1.13 -10.30 14.95
C GLU A 78 -1.54 -9.55 13.69
N ILE A 79 -2.82 -9.66 13.34
CA ILE A 79 -3.44 -8.89 12.26
C ILE A 79 -4.54 -8.08 12.91
N ILE A 80 -4.50 -6.77 12.71
CA ILE A 80 -5.52 -5.86 13.21
C ILE A 80 -6.17 -5.17 12.04
N ILE A 81 -7.33 -5.68 11.64
CA ILE A 81 -8.09 -5.10 10.54
C ILE A 81 -9.08 -4.10 11.15
N HIS A 82 -9.23 -2.92 10.54
CA HIS A 82 -10.14 -1.90 11.08
C HIS A 82 -11.53 -2.51 11.34
N GLN A 83 -12.03 -2.33 12.56
CA GLN A 83 -13.33 -2.92 12.99
C GLN A 83 -14.52 -2.62 12.06
N ASN A 84 -14.52 -1.46 11.44
CA ASN A 84 -15.57 -1.00 10.53
C ASN A 84 -15.32 -1.26 9.03
N TYR A 85 -14.22 -1.92 8.69
CA TYR A 85 -14.04 -2.39 7.32
C TYR A 85 -15.05 -3.48 6.97
N LYS A 86 -15.75 -3.26 5.87
CA LYS A 86 -16.67 -4.23 5.29
C LYS A 86 -16.33 -4.36 3.79
N VAL A 87 -16.11 -5.59 3.34
CA VAL A 87 -15.51 -5.85 2.01
C VAL A 87 -16.30 -5.31 0.84
N SER A 88 -17.62 -5.50 0.86
CA SER A 88 -18.46 -4.99 -0.23
C SER A 88 -18.41 -3.48 -0.30
N GLU A 89 -18.31 -2.82 0.87
CA GLU A 89 -18.38 -1.36 0.95
C GLU A 89 -17.04 -0.70 0.70
N GLY A 90 -16.00 -1.16 1.40
CA GLY A 90 -14.62 -0.70 1.11
C GLY A 90 -14.12 0.52 1.86
N ASN A 91 -14.93 1.08 2.76
CA ASN A 91 -14.46 2.13 3.63
C ASN A 91 -13.52 1.52 4.68
N HIS A 92 -12.60 2.35 5.18
CA HIS A 92 -11.68 1.94 6.27
C HIS A 92 -10.81 0.76 5.83
N ASP A 93 -10.29 0.89 4.60
CA ASP A 93 -9.42 -0.16 4.02
C ASP A 93 -8.02 0.02 4.59
N ILE A 94 -7.83 -0.47 5.80
CA ILE A 94 -6.59 -0.30 6.54
C ILE A 94 -6.42 -1.45 7.53
N ALA A 95 -5.19 -1.92 7.67
CA ALA A 95 -4.85 -3.03 8.57
C ALA A 95 -3.43 -2.89 9.06
N LEU A 96 -3.22 -3.27 10.32
CA LEU A 96 -1.91 -3.39 10.91
C LEU A 96 -1.50 -4.83 11.01
N ILE A 97 -0.22 -5.08 10.74
CA ILE A 97 0.41 -6.38 10.96
C ILE A 97 1.49 -6.21 12.01
N LYS A 98 1.41 -6.99 13.08
CA LYS A 98 2.50 -7.08 14.04
C LYS A 98 3.39 -8.24 13.67
N LEU A 99 4.69 -8.01 13.56
CA LEU A 99 5.66 -9.05 13.23
C LEU A 99 6.03 -9.86 14.46
N GLN A 100 6.46 -11.10 14.25
CA GLN A 100 6.84 -11.98 15.36
C GLN A 100 8.12 -11.51 16.07
N ALA A 101 8.95 -10.75 15.37
CA ALA A 101 10.18 -10.23 15.94
C ALA A 101 10.42 -8.82 15.39
N PRO A 102 10.95 -7.91 16.23
CA PRO A 102 11.29 -6.58 15.73
C PRO A 102 12.44 -6.62 14.71
N LEU A 103 12.40 -5.73 13.73
CA LEU A 103 13.49 -5.64 12.76
C LEU A 103 14.52 -4.59 13.16
N ASN A 104 15.78 -4.91 12.94
CA ASN A 104 16.85 -3.92 13.05
C ASN A 104 16.77 -2.96 11.86
N TYR A 105 17.00 -1.69 12.11
CA TYR A 105 16.96 -0.68 11.06
C TYR A 105 18.28 -0.61 10.31
N THR A 106 18.16 -0.55 8.98
CA THR A 106 19.27 -0.35 8.05
C THR A 106 18.86 0.63 6.97
N GLU A 107 19.83 0.99 6.13
CA GLU A 107 19.60 1.85 4.98
C GLU A 107 18.49 1.30 4.05
N PHE A 108 18.24 0.00 4.09
CA PHE A 108 17.29 -0.67 3.18
C PHE A 108 16.07 -1.22 3.89
N GLN A 109 15.97 -0.93 5.18
CA GLN A 109 14.92 -1.51 6.01
C GLN A 109 14.71 -0.56 7.20
N LYS A 110 13.83 0.40 7.01
CA LYS A 110 13.54 1.38 8.07
C LYS A 110 12.15 1.98 7.84
N PRO A 111 11.57 2.56 8.88
CA PRO A 111 10.16 2.94 8.80
C PRO A 111 9.93 4.26 8.11
N ILE A 112 8.75 4.38 7.48
CA ILE A 112 8.27 5.64 6.90
C ILE A 112 7.65 6.50 8.01
N SER A 113 7.85 7.80 7.91
CA SER A 113 7.21 8.74 8.83
C SER A 113 5.72 8.86 8.56
N LEU A 114 4.97 9.13 9.63
CA LEU A 114 3.52 9.27 9.59
C LEU A 114 3.10 10.73 9.75
N PRO A 115 1.98 11.10 9.14
CA PRO A 115 1.42 12.43 9.29
C PRO A 115 0.79 12.62 10.67
N SER A 116 0.42 13.85 10.93
CA SER A 116 -0.35 14.18 12.13
C SER A 116 -1.83 13.95 11.84
N LYS A 117 -2.58 13.67 12.87
CA LYS A 117 -4.00 13.52 12.75
C LYS A 117 -4.57 14.84 12.24
N GLY A 118 -5.55 14.78 11.35
CA GLY A 118 -6.13 16.01 10.80
C GLY A 118 -5.28 17.00 10.01
N ASP A 119 -4.63 16.47 8.99
CA ASP A 119 -3.62 17.09 8.14
C ASP A 119 -4.26 17.28 6.77
N THR A 120 -3.91 18.36 6.05
CA THR A 120 -4.31 18.51 4.62
C THR A 120 -3.14 18.61 3.67
N SER A 121 -3.13 17.82 2.60
CA SER A 121 -2.72 18.16 1.30
C SER A 121 -3.78 19.08 0.79
N THR A 122 -3.34 20.15 0.17
CA THR A 122 -2.03 20.33 -0.41
C THR A 122 -1.17 20.59 0.73
N ILE A 123 0.01 20.96 0.35
CA ILE A 123 1.32 20.88 0.80
C ILE A 123 1.95 19.73 0.16
N TYR A 124 1.18 18.73 -0.32
CA TYR A 124 1.85 17.65 -0.97
C TYR A 124 1.81 17.77 -2.45
N THR A 125 2.92 18.22 -2.97
CA THR A 125 3.05 18.42 -4.41
C THR A 125 3.98 17.43 -5.08
N ASN A 126 4.66 16.59 -4.30
CA ASN A 126 5.62 15.67 -4.84
C ASN A 126 5.42 14.26 -4.25
N CYS A 127 4.49 13.54 -4.86
CA CYS A 127 4.01 12.24 -4.35
C CYS A 127 4.31 11.09 -5.29
N TRP A 128 4.63 9.96 -4.69
CA TRP A 128 5.08 8.77 -5.42
C TRP A 128 4.35 7.54 -4.89
N VAL A 129 4.12 6.58 -5.78
CA VAL A 129 3.51 5.28 -5.41
C VAL A 129 4.47 4.20 -5.91
N THR A 130 4.65 3.18 -5.07
CA THR A 130 5.60 2.11 -5.36
C THR A 130 5.00 0.74 -5.19
N GLY A 131 5.55 -0.22 -5.93
CA GLY A 131 5.12 -1.60 -5.75
C GLY A 131 5.61 -2.52 -6.83
N TRP A 132 5.34 -3.80 -6.63
CA TRP A 132 5.69 -4.86 -7.56
C TRP A 132 4.47 -5.35 -8.40
N GLY A 133 3.38 -4.61 -8.38
CA GLY A 133 2.18 -4.99 -9.10
C GLY A 133 2.29 -4.94 -10.63
N PHE A 134 1.18 -5.23 -11.28
CA PHE A 134 1.15 -5.31 -12.72
C PHE A 134 1.57 -3.97 -13.36
N SER A 135 2.27 -4.05 -14.50
CA SER A 135 2.62 -2.85 -15.28
C SER A 135 1.59 -2.50 -16.36
N LYS A 136 0.54 -3.31 -16.47
CA LYS A 136 -0.63 -2.99 -17.29
C LYS A 136 -1.79 -3.84 -16.77
N GLU A 137 -3.01 -3.48 -17.12
CA GLU A 137 -4.13 -4.32 -16.81
C GLU A 137 -3.89 -5.67 -17.48
N LYS A 138 -4.20 -6.73 -16.79
CA LYS A 138 -3.93 -8.05 -17.30
C LYS A 138 -2.44 -8.28 -17.53
N GLY A 139 -1.63 -7.72 -16.68
CA GLY A 139 -0.22 -7.95 -16.71
C GLY A 139 0.28 -8.98 -15.73
N GLU A 140 1.62 -8.70 -15.15
CA GLU A 140 2.19 -9.69 -14.29
C GLU A 140 2.98 -8.94 -13.26
N ILE A 141 3.25 -9.63 -12.16
CA ILE A 141 4.05 -9.06 -11.08
C ILE A 141 5.45 -8.72 -11.63
N GLN A 142 5.96 -7.56 -11.25
CA GLN A 142 7.27 -7.06 -11.72
C GLN A 142 8.33 -7.45 -10.75
N ASN A 143 9.55 -7.62 -11.25
CA ASN A 143 10.63 -8.10 -10.39
C ASN A 143 11.27 -6.98 -9.53
N ILE A 144 11.70 -5.90 -10.16
CA ILE A 144 12.32 -4.76 -9.45
C ILE A 144 11.19 -3.82 -9.01
N LEU A 145 11.28 -3.36 -7.76
CA LEU A 145 10.28 -2.45 -7.22
C LEU A 145 10.09 -1.22 -8.12
N GLN A 146 8.87 -1.00 -8.55
CA GLN A 146 8.58 0.12 -9.43
C GLN A 146 8.18 1.35 -8.65
N LYS A 147 8.48 2.52 -9.22
CA LYS A 147 8.13 3.82 -8.67
C LYS A 147 7.46 4.65 -9.75
N VAL A 148 6.48 5.46 -9.37
CA VAL A 148 5.87 6.41 -10.28
C VAL A 148 5.44 7.69 -9.52
N ASN A 149 5.58 8.83 -10.18
CA ASN A 149 5.25 10.15 -9.61
C ASN A 149 3.84 10.50 -10.09
N ILE A 150 2.90 10.74 -9.18
CA ILE A 150 1.49 10.98 -9.52
C ILE A 150 0.99 12.19 -8.72
N PRO A 151 0.25 13.11 -9.37
CA PRO A 151 -0.31 14.25 -8.63
C PRO A 151 -1.54 13.85 -7.81
N LEU A 152 -1.70 14.44 -6.62
CA LEU A 152 -2.94 14.29 -5.88
C LEU A 152 -4.04 15.05 -6.60
N VAL A 153 -5.25 14.53 -6.52
CA VAL A 153 -6.45 15.16 -7.09
C VAL A 153 -7.40 15.46 -5.92
N THR A 154 -8.16 16.55 -6.02
CA THR A 154 -9.07 16.93 -4.94
C THR A 154 -10.18 15.89 -4.83
N ASN A 155 -10.75 15.76 -3.63
CA ASN A 155 -11.87 14.84 -3.45
C ASN A 155 -13.07 15.20 -4.32
N GLU A 156 -13.33 16.50 -4.51
CA GLU A 156 -14.40 16.96 -5.40
C GLU A 156 -14.22 16.45 -6.84
N GLU A 157 -13.01 16.57 -7.38
CA GLU A 157 -12.76 16.12 -8.76
C GLU A 157 -12.72 14.59 -8.87
N CYS A 158 -12.21 13.92 -7.84
CA CYS A 158 -12.20 12.46 -7.80
C CYS A 158 -13.63 11.90 -7.78
N GLN A 159 -14.49 12.52 -6.97
CA GLN A 159 -15.89 12.12 -6.86
C GLN A 159 -16.65 12.13 -8.19
N LYS A 160 -16.35 13.10 -9.05
CA LYS A 160 -17.00 13.21 -10.37
C LYS A 160 -16.71 12.01 -11.26
N ARG A 161 -15.56 11.34 -11.04
CA ARG A 161 -15.18 10.16 -11.80
C ARG A 161 -15.74 8.85 -11.24
N TYR A 162 -16.36 8.90 -10.06
CA TYR A 162 -16.86 7.71 -9.37
C TYR A 162 -18.27 7.95 -8.83
N GLN A 163 -19.23 8.05 -9.74
CA GLN A 163 -20.65 8.31 -9.40
C GLN A 163 -21.29 7.26 -8.50
N ASP A 164 -20.83 6.01 -8.61
CA ASP A 164 -21.39 4.90 -7.83
C ASP A 164 -20.85 4.78 -6.41
N TYR A 165 -19.73 5.45 -6.11
CA TYR A 165 -19.06 5.31 -4.82
C TYR A 165 -18.93 6.67 -4.18
N LYS A 166 -18.96 6.70 -2.85
CA LYS A 166 -18.74 7.93 -2.12
C LYS A 166 -17.26 8.05 -1.79
N ILE A 167 -16.65 9.13 -2.26
CA ILE A 167 -15.28 9.48 -1.93
C ILE A 167 -15.31 10.30 -0.65
N THR A 168 -14.87 9.70 0.44
CA THR A 168 -14.99 10.33 1.74
C THR A 168 -13.74 11.12 2.08
N GLN A 169 -13.83 11.92 3.13
CA GLN A 169 -12.68 12.64 3.69
C GLN A 169 -11.57 11.71 4.19
N ARG A 170 -11.86 10.42 4.34
CA ARG A 170 -10.87 9.45 4.80
C ARG A 170 -10.17 8.75 3.63
N MET A 171 -10.40 9.26 2.41
CA MET A 171 -9.72 8.82 1.21
C MET A 171 -8.98 9.97 0.56
N VAL A 172 -7.92 9.62 -0.17
CA VAL A 172 -7.18 10.57 -1.00
C VAL A 172 -7.01 9.96 -2.38
N CYS A 173 -7.11 10.79 -3.41
CA CYS A 173 -7.03 10.32 -4.77
C CYS A 173 -5.81 10.88 -5.48
N ALA A 174 -5.34 10.16 -6.48
CA ALA A 174 -4.16 10.56 -7.25
C ALA A 174 -4.22 9.97 -8.64
N GLY A 175 -3.90 10.79 -9.65
CA GLY A 175 -3.90 10.29 -11.02
C GLY A 175 -3.83 11.42 -12.01
N TYR A 176 -3.61 11.04 -13.27
CA TYR A 176 -3.56 11.96 -14.39
C TYR A 176 -4.87 11.89 -15.15
N LYS A 177 -5.37 13.04 -15.59
CA LYS A 177 -6.54 13.07 -16.46
C LYS A 177 -6.33 12.19 -17.69
N GLU A 178 -5.12 12.18 -18.26
CA GLU A 178 -4.84 11.36 -19.46
C GLU A 178 -4.45 9.91 -19.18
N GLY A 179 -4.48 9.52 -17.91
CA GLY A 179 -4.10 8.18 -17.49
C GLY A 179 -2.64 7.90 -17.72
N GLY A 180 -2.29 6.63 -17.75
CA GLY A 180 -0.95 6.16 -18.11
C GLY A 180 0.01 5.92 -16.96
N LYS A 181 -0.27 6.48 -15.80
CA LYS A 181 0.54 6.30 -14.61
C LYS A 181 -0.35 6.09 -13.40
N ASP A 182 -0.20 4.74 -12.68
CA ASP A 182 -1.19 4.41 -11.65
C ASP A 182 -0.63 3.22 -10.95
N ALA A 183 -1.18 2.93 -9.78
CA ALA A 183 -1.03 1.62 -9.15
C ALA A 183 -1.89 0.62 -9.90
N CYS A 184 -1.64 -0.65 -9.66
CA CYS A 184 -2.39 -1.73 -10.32
C CYS A 184 -2.46 -2.96 -9.43
N LYS A 185 -2.96 -4.08 -9.98
CA LYS A 185 -3.11 -5.31 -9.23
C LYS A 185 -1.76 -5.74 -8.64
N GLY A 186 -1.73 -6.08 -7.36
CA GLY A 186 -0.49 -6.44 -6.67
C GLY A 186 0.16 -5.30 -5.94
N ASP A 187 -0.32 -4.08 -6.17
CA ASP A 187 0.17 -2.90 -5.45
C ASP A 187 -0.63 -2.58 -4.19
N SER A 188 -1.76 -3.28 -3.96
CA SER A 188 -2.61 -3.09 -2.77
C SER A 188 -1.80 -3.01 -1.53
N GLY A 189 -2.18 -2.05 -0.67
CA GLY A 189 -1.56 -1.97 0.65
C GLY A 189 -0.23 -1.27 0.71
N GLY A 190 0.37 -1.00 -0.45
CA GLY A 190 1.61 -0.28 -0.47
C GLY A 190 1.43 1.21 -0.27
N PRO A 191 2.54 1.93 -0.24
CA PRO A 191 2.57 3.32 0.14
C PRO A 191 2.29 4.30 -1.01
N LEU A 192 1.60 5.38 -0.66
CA LEU A 192 1.61 6.64 -1.39
C LEU A 192 2.35 7.59 -0.47
N VAL A 193 3.54 8.00 -0.88
CA VAL A 193 4.43 8.83 -0.06
C VAL A 193 4.69 10.15 -0.74
N CYS A 194 4.83 11.19 0.06
CA CYS A 194 5.09 12.52 -0.47
C CYS A 194 6.30 13.12 0.23
N LYS A 195 7.15 13.78 -0.55
CA LYS A 195 8.37 14.38 -0.03
C LYS A 195 8.10 15.85 0.21
N HIS A 196 8.32 16.25 1.45
CA HIS A 196 8.08 17.62 1.86
C HIS A 196 9.26 18.07 2.68
N ASN A 197 9.93 19.11 2.22
CA ASN A 197 11.11 19.62 2.89
C ASN A 197 12.20 18.64 3.17
N GLY A 198 12.46 17.80 2.19
CA GLY A 198 13.50 16.83 2.32
C GLY A 198 13.03 15.55 2.93
N MET A 199 11.73 15.52 3.52
CA MET A 199 11.52 14.28 4.23
C MET A 199 10.30 13.61 3.61
N TRP A 200 10.34 12.29 3.54
CA TRP A 200 9.21 11.50 3.02
C TRP A 200 8.21 11.15 4.12
N ARG A 201 6.92 11.19 3.81
CA ARG A 201 5.89 10.72 4.77
C ARG A 201 4.82 9.94 4.05
N LEU A 202 4.18 9.07 4.80
CA LEU A 202 3.12 8.23 4.27
C LEU A 202 1.81 8.98 4.26
N VAL A 203 1.28 9.27 3.08
CA VAL A 203 0.04 10.01 2.92
C VAL A 203 -1.15 9.07 2.65
N GLY A 204 -0.92 8.01 1.87
CA GLY A 204 -1.99 7.07 1.54
C GLY A 204 -1.56 5.62 1.49
N ILE A 205 -2.56 4.75 1.55
CA ILE A 205 -2.43 3.32 1.33
C ILE A 205 -3.20 2.96 0.08
N THR A 206 -2.51 2.30 -0.87
CA THR A 206 -3.11 1.90 -2.15
C THR A 206 -4.33 0.98 -1.93
N SER A 207 -5.48 1.40 -2.47
CA SER A 207 -6.77 0.75 -2.17
C SER A 207 -7.52 0.29 -3.43
N TRP A 208 -8.03 1.23 -4.22
CA TRP A 208 -8.92 0.88 -5.35
C TRP A 208 -8.87 1.87 -6.49
N GLY A 209 -9.51 1.51 -7.59
CA GLY A 209 -9.58 2.34 -8.79
C GLY A 209 -10.12 1.51 -9.94
N GLU A 210 -10.64 2.14 -10.97
CA GLU A 210 -11.22 1.37 -12.05
C GLU A 210 -10.19 0.93 -13.03
N GLY A 211 -9.94 -0.36 -13.07
CA GLY A 211 -8.86 -0.88 -13.86
C GLY A 211 -7.53 -0.33 -13.36
N CYS A 212 -6.65 0.00 -14.29
CA CYS A 212 -5.36 0.62 -13.97
C CYS A 212 -4.95 1.61 -15.05
N ALA A 213 -4.68 2.84 -14.62
CA ALA A 213 -4.12 3.87 -15.47
C ALA A 213 -5.06 4.28 -16.61
N ARG A 214 -6.36 4.10 -16.44
CA ARG A 214 -7.32 4.57 -17.45
C ARG A 214 -7.45 6.07 -17.41
N ARG A 215 -7.81 6.65 -18.45
CA ARG A 215 -8.02 8.07 -18.46
C ARG A 215 -9.19 8.49 -17.59
N GLU A 216 -9.03 9.55 -16.85
CA GLU A 216 -10.07 10.14 -16.04
C GLU A 216 -10.61 9.22 -14.96
N GLN A 217 -9.77 8.31 -14.51
CA GLN A 217 -10.11 7.41 -13.42
C GLN A 217 -8.97 7.33 -12.38
N PRO A 218 -8.95 8.27 -11.47
CA PRO A 218 -7.84 8.33 -10.50
C PRO A 218 -7.80 7.12 -9.56
N GLY A 219 -6.61 6.83 -9.05
CA GLY A 219 -6.45 5.87 -7.97
C GLY A 219 -6.97 6.45 -6.68
N VAL A 220 -7.55 5.57 -5.85
CA VAL A 220 -8.07 5.96 -4.56
C VAL A 220 -7.28 5.25 -3.47
N TYR A 221 -6.94 6.02 -2.44
CA TYR A 221 -6.02 5.57 -1.38
C TYR A 221 -6.66 5.85 -0.04
N THR A 222 -6.42 5.00 0.95
CA THR A 222 -6.84 5.32 2.30
C THR A 222 -5.98 6.47 2.82
N LYS A 223 -6.60 7.53 3.33
CA LYS A 223 -5.86 8.71 3.80
C LYS A 223 -5.36 8.43 5.22
N VAL A 224 -4.05 8.21 5.35
CA VAL A 224 -3.46 7.78 6.62
C VAL A 224 -3.69 8.76 7.79
N ALA A 225 -3.67 10.07 7.51
CA ALA A 225 -3.86 11.06 8.58
C ALA A 225 -5.21 10.90 9.30
N GLU A 226 -6.21 10.46 8.56
CA GLU A 226 -7.54 10.25 9.13
C GLU A 226 -7.67 8.98 9.98
N TYR A 227 -6.60 8.17 10.05
CA TYR A 227 -6.57 6.97 10.87
C TYR A 227 -5.47 7.01 11.91
N MET A 228 -4.87 8.18 12.13
CA MET A 228 -3.75 8.24 13.06
C MET A 228 -4.14 7.98 14.50
N ASP A 229 -5.34 8.39 14.92
CA ASP A 229 -5.80 8.01 16.25
C ASP A 229 -5.92 6.48 16.40
N TRP A 230 -6.47 5.83 15.38
CA TRP A 230 -6.62 4.37 15.35
C TRP A 230 -5.25 3.66 15.33
N ILE A 231 -4.32 4.14 14.51
CA ILE A 231 -3.00 3.51 14.43
C ILE A 231 -2.28 3.59 15.78
N LEU A 232 -2.29 4.77 16.38
CA LEU A 232 -1.68 4.92 17.65
C LEU A 232 -2.32 4.09 18.77
N GLU A 233 -3.64 4.07 18.80
CA GLU A 233 -4.33 3.33 19.82
C GLU A 233 -4.07 1.86 19.68
N LYS A 234 -4.17 1.35 18.46
CA LYS A 234 -4.03 -0.08 18.28
C LYS A 234 -2.63 -0.57 18.53
N THR A 235 -1.63 0.16 18.11
CA THR A 235 -0.25 -0.25 18.31
C THR A 235 0.21 -0.07 19.78
N GLN A 236 -0.25 0.98 20.45
CA GLN A 236 0.00 1.16 21.91
C GLN A 236 -0.66 0.11 22.78
N SER A 237 -1.92 -0.20 22.47
CA SER A 237 -2.69 -1.22 23.21
C SER A 237 -2.08 -2.61 23.07
N SER A 238 -1.66 -2.95 21.85
CA SER A 238 -0.98 -4.22 21.61
C SER A 238 0.40 -4.27 22.30
N ASP A 239 1.19 -3.21 22.14
CA ASP A 239 2.53 -3.14 22.76
C ASP A 239 2.38 -2.89 24.26
N CYS B 1 -13.73 -9.66 -2.38
CA CYS B 1 -13.43 -8.21 -2.65
C CYS B 1 -13.92 -7.82 -4.04
N PRO B 2 -14.57 -6.63 -4.17
CA PRO B 2 -15.02 -6.12 -5.48
C PRO B 2 -13.88 -5.87 -6.47
N ALA B 3 -14.21 -5.90 -7.76
CA ALA B 3 -13.26 -5.74 -8.87
C ALA B 3 -12.44 -4.42 -8.82
N ARG B 4 -12.97 -3.38 -8.20
CA ARG B 4 -12.26 -2.09 -8.11
C ARG B 4 -11.02 -2.18 -7.20
N PHE B 5 -10.98 -3.17 -6.30
CA PHE B 5 -9.80 -3.38 -5.44
C PHE B 5 -8.68 -4.11 -6.18
N ALA B 6 -7.49 -4.12 -5.58
CA ALA B 6 -6.31 -4.48 -6.32
C ALA B 6 -5.64 -5.80 -5.94
N ALA B 7 -6.20 -6.52 -4.97
CA ALA B 7 -5.64 -7.84 -4.67
C ALA B 7 -5.94 -8.77 -5.84
N LEU B 8 -5.17 -9.84 -5.97
CA LEU B 8 -5.12 -10.57 -7.23
C LEU B 8 -6.41 -11.34 -7.55
N PHE B 9 -7.25 -11.60 -6.57
CA PHE B 9 -8.53 -12.30 -6.79
C PHE B 9 -9.77 -11.43 -6.53
N CYS B 10 -9.60 -10.11 -6.59
N CYS B 10 -9.60 -10.11 -6.60
CA CYS B 10 -10.70 -9.16 -6.51
CA CYS B 10 -10.71 -9.17 -6.47
C CYS B 10 -11.36 -9.01 -7.88
C CYS B 10 -11.44 -9.04 -7.79
#